data_2PFI
#
_entry.id   2PFI
#
_cell.length_a   35.283
_cell.length_b   83.421
_cell.length_c   59.888
_cell.angle_alpha   90.00
_cell.angle_beta   92.48
_cell.angle_gamma   90.00
#
_symmetry.space_group_name_H-M   'P 1 21 1'
#
loop_
_entity.id
_entity.type
_entity.pdbx_description
1 polymer 'Chloride channel protein ClC-Ka'
2 non-polymer 'IODIDE ION'
3 non-polymer 'CHLORIDE ION'
4 water water
#
_entity_poly.entity_id   1
_entity_poly.type   'polypeptide(L)'
_entity_poly.pdbx_seq_one_letter_code
;PRILGRNIGSHHVRVEHFMNHSITTLAKDTPLEEVVKVVTSTDVTEYPLVESTESQILVGIVQRAQLVQALQAEPPSRAP
GHQQCLQDILARGCPTEPVTLTLFSETTLHQAQNLFKLLNLQSLFVTSRGRAVGCVSWVEMKKAISNLTNPPAPKEFLEV
LFQG
;
_entity_poly.pdbx_strand_id   A,B
#
# COMPACT_ATOMS: atom_id res chain seq x y z
N SER A 10 -4.55 5.36 22.17
CA SER A 10 -4.88 5.15 20.73
C SER A 10 -3.68 4.59 19.96
N HIS A 11 -2.60 4.31 20.67
CA HIS A 11 -1.41 3.76 20.03
C HIS A 11 -1.49 2.24 19.94
N HIS A 12 -2.38 1.65 20.73
CA HIS A 12 -2.52 0.20 20.74
C HIS A 12 -3.71 -0.32 19.95
N VAL A 13 -4.65 0.56 19.61
CA VAL A 13 -5.81 0.17 18.81
C VAL A 13 -5.35 0.36 17.37
N ARG A 14 -5.59 -0.64 16.53
CA ARG A 14 -5.18 -0.58 15.13
C ARG A 14 -6.38 -0.54 14.20
N VAL A 15 -6.15 -0.09 12.97
CA VAL A 15 -7.22 0.01 11.98
C VAL A 15 -7.97 -1.30 11.79
N GLU A 16 -7.26 -2.43 11.78
CA GLU A 16 -7.94 -3.71 11.61
C GLU A 16 -8.96 -3.99 12.72
N HIS A 17 -8.85 -3.30 13.84
CA HIS A 17 -9.78 -3.50 14.95
C HIS A 17 -11.14 -2.84 14.72
N PHE A 18 -11.16 -1.74 13.98
CA PHE A 18 -12.41 -1.00 13.77
C PHE A 18 -12.84 -0.74 12.33
N MET A 19 -12.04 -1.17 11.37
CA MET A 19 -12.40 -0.95 9.98
C MET A 19 -13.67 -1.70 9.58
N ASN A 20 -14.31 -1.21 8.53
CA ASN A 20 -15.51 -1.85 8.00
C ASN A 20 -15.04 -2.92 7.03
N HIS A 21 -15.39 -4.18 7.31
CA HIS A 21 -15.02 -5.31 6.46
C HIS A 21 -16.02 -5.49 5.34
N SER A 22 -17.14 -4.80 5.43
CA SER A 22 -18.20 -4.93 4.44
C SER A 22 -17.95 -4.17 3.14
N ILE A 23 -16.86 -4.49 2.47
CA ILE A 23 -16.54 -3.87 1.19
C ILE A 23 -16.67 -4.95 0.14
N THR A 24 -16.95 -4.55 -1.09
CA THR A 24 -17.07 -5.51 -2.18
C THR A 24 -16.08 -5.07 -3.24
N THR A 25 -15.05 -5.88 -3.43
CA THR A 25 -14.04 -5.55 -4.44
C THR A 25 -14.48 -6.03 -5.80
N LEU A 26 -13.98 -5.37 -6.83
CA LEU A 26 -14.26 -5.76 -8.21
C LEU A 26 -12.88 -6.06 -8.79
N ALA A 27 -12.76 -7.21 -9.43
CA ALA A 27 -11.48 -7.61 -10.01
C ALA A 27 -11.47 -7.46 -11.51
N LYS A 28 -10.29 -7.39 -12.09
CA LYS A 28 -10.19 -7.26 -13.53
C LYS A 28 -10.83 -8.45 -14.23
N ASP A 29 -10.79 -9.62 -13.59
CA ASP A 29 -11.37 -10.81 -14.19
C ASP A 29 -12.76 -11.16 -13.67
N THR A 30 -13.42 -10.20 -13.05
CA THR A 30 -14.79 -10.40 -12.56
C THR A 30 -15.74 -10.35 -13.76
N PRO A 31 -16.50 -11.43 -14.00
CA PRO A 31 -17.42 -11.40 -15.15
C PRO A 31 -18.42 -10.25 -15.03
N LEU A 32 -18.82 -9.67 -16.17
CA LEU A 32 -19.74 -8.56 -16.14
C LEU A 32 -21.06 -8.93 -15.46
N GLU A 33 -21.47 -10.19 -15.58
CA GLU A 33 -22.70 -10.62 -14.93
C GLU A 33 -22.59 -10.35 -13.43
N GLU A 34 -21.42 -10.67 -12.87
CA GLU A 34 -21.16 -10.48 -11.45
C GLU A 34 -21.05 -9.00 -11.12
N VAL A 35 -20.47 -8.22 -12.02
CA VAL A 35 -20.34 -6.78 -11.81
C VAL A 35 -21.73 -6.18 -11.66
N VAL A 36 -22.67 -6.61 -12.50
CA VAL A 36 -24.04 -6.12 -12.42
C VAL A 36 -24.64 -6.46 -11.06
N LYS A 37 -24.43 -7.70 -10.60
CA LYS A 37 -24.95 -8.14 -9.31
C LYS A 37 -24.41 -7.25 -8.19
N VAL A 38 -23.12 -6.96 -8.24
CA VAL A 38 -22.49 -6.12 -7.22
C VAL A 38 -23.08 -4.72 -7.20
N VAL A 39 -23.11 -4.08 -8.37
CA VAL A 39 -23.64 -2.72 -8.46
C VAL A 39 -25.08 -2.62 -7.98
N THR A 40 -25.93 -3.54 -8.44
CA THR A 40 -27.34 -3.52 -8.05
C THR A 40 -27.60 -3.84 -6.58
N SER A 41 -26.66 -4.52 -5.92
CA SER A 41 -26.83 -4.88 -4.51
C SER A 41 -26.08 -3.99 -3.53
N THR A 42 -25.46 -2.92 -4.03
CA THR A 42 -24.70 -2.01 -3.17
C THR A 42 -25.16 -0.57 -3.38
N ASP A 43 -24.68 0.32 -2.50
CA ASP A 43 -25.06 1.73 -2.61
C ASP A 43 -23.86 2.66 -2.39
N VAL A 44 -22.66 2.15 -2.66
CA VAL A 44 -21.45 2.95 -2.50
C VAL A 44 -21.16 3.71 -3.79
N THR A 45 -20.43 4.82 -3.68
CA THR A 45 -20.11 5.63 -4.85
C THR A 45 -18.87 5.15 -5.60
N GLU A 46 -18.09 4.29 -4.97
CA GLU A 46 -16.88 3.77 -5.62
C GLU A 46 -16.50 2.41 -5.07
N TYR A 47 -15.76 1.66 -5.87
CA TYR A 47 -15.32 0.33 -5.50
C TYR A 47 -13.83 0.13 -5.64
N PRO A 48 -13.24 -0.66 -4.75
CA PRO A 48 -11.80 -0.89 -4.86
C PRO A 48 -11.61 -1.90 -5.99
N LEU A 49 -10.70 -1.60 -6.91
CA LEU A 49 -10.40 -2.49 -8.04
C LEU A 49 -9.19 -3.33 -7.68
N VAL A 50 -9.30 -4.64 -7.85
CA VAL A 50 -8.17 -5.53 -7.54
C VAL A 50 -7.68 -6.25 -8.80
N GLU A 51 -6.41 -6.64 -8.78
CA GLU A 51 -5.80 -7.29 -9.93
C GLU A 51 -6.53 -8.55 -10.40
N SER A 52 -6.88 -9.42 -9.47
CA SER A 52 -7.58 -10.64 -9.81
C SER A 52 -8.41 -11.08 -8.61
N THR A 53 -9.42 -11.90 -8.87
CA THR A 53 -10.27 -12.37 -7.79
C THR A 53 -9.46 -13.17 -6.79
N GLU A 54 -8.48 -13.90 -7.30
CA GLU A 54 -7.63 -14.72 -6.44
C GLU A 54 -6.67 -13.93 -5.57
N SER A 55 -6.02 -12.91 -6.14
CA SER A 55 -5.04 -12.14 -5.38
C SER A 55 -5.59 -11.02 -4.49
N GLN A 56 -6.68 -10.39 -4.93
CA GLN A 56 -7.31 -9.28 -4.20
C GLN A 56 -6.34 -8.11 -3.98
N ILE A 57 -5.30 -8.03 -4.81
CA ILE A 57 -4.32 -6.96 -4.71
C ILE A 57 -4.92 -5.66 -5.25
N LEU A 58 -4.98 -4.63 -4.40
CA LEU A 58 -5.54 -3.35 -4.78
C LEU A 58 -4.72 -2.68 -5.88
N VAL A 59 -5.37 -2.29 -6.97
CA VAL A 59 -4.67 -1.64 -8.07
C VAL A 59 -5.32 -0.34 -8.53
N GLY A 60 -6.51 -0.04 -8.02
CA GLY A 60 -7.18 1.18 -8.42
C GLY A 60 -8.56 1.31 -7.80
N ILE A 61 -9.33 2.28 -8.29
CA ILE A 61 -10.67 2.53 -7.80
C ILE A 61 -11.57 2.82 -8.99
N VAL A 62 -12.78 2.27 -8.98
CA VAL A 62 -13.71 2.55 -10.07
C VAL A 62 -14.98 3.15 -9.47
N GLN A 63 -15.46 4.22 -10.11
CA GLN A 63 -16.65 4.90 -9.61
C GLN A 63 -17.93 4.25 -10.11
N ARG A 64 -18.92 4.16 -9.23
CA ARG A 64 -20.20 3.55 -9.56
C ARG A 64 -20.83 4.19 -10.80
N ALA A 65 -20.83 5.52 -10.86
CA ALA A 65 -21.41 6.23 -11.99
C ALA A 65 -20.77 5.84 -13.32
N GLN A 66 -19.45 5.67 -13.33
CA GLN A 66 -18.77 5.31 -14.56
C GLN A 66 -19.07 3.86 -14.95
N LEU A 67 -19.19 2.98 -13.96
CA LEU A 67 -19.50 1.59 -14.23
C LEU A 67 -20.89 1.49 -14.84
N VAL A 68 -21.82 2.24 -14.28
CA VAL A 68 -23.19 2.25 -14.78
C VAL A 68 -23.22 2.70 -16.24
N GLN A 69 -22.50 3.79 -16.54
CA GLN A 69 -22.45 4.32 -17.90
C GLN A 69 -21.92 3.27 -18.89
N ALA A 70 -20.83 2.61 -18.50
CA ALA A 70 -20.21 1.59 -19.34
C ALA A 70 -21.14 0.42 -19.57
N LEU A 71 -21.86 0.02 -18.52
CA LEU A 71 -22.77 -1.11 -18.61
C LEU A 71 -23.99 -0.79 -19.47
N GLN A 72 -24.44 0.46 -19.42
CA GLN A 72 -25.61 0.88 -20.20
C GLN A 72 -25.25 1.05 -21.66
N ALA A 73 -23.96 1.06 -21.96
CA ALA A 73 -23.47 1.21 -23.33
C ALA A 73 -22.92 -0.12 -23.86
N GLY A 81 -17.75 -15.26 -28.32
CA GLY A 81 -16.46 -14.72 -27.92
C GLY A 81 -16.17 -15.06 -26.47
N HIS A 82 -15.08 -14.53 -25.93
CA HIS A 82 -14.73 -14.80 -24.55
C HIS A 82 -15.75 -14.18 -23.62
N GLN A 83 -15.78 -14.67 -22.38
CA GLN A 83 -16.70 -14.14 -21.39
C GLN A 83 -16.25 -12.71 -21.07
N GLN A 84 -17.17 -11.76 -21.21
CA GLN A 84 -16.85 -10.37 -20.94
C GLN A 84 -16.66 -10.16 -19.43
N CYS A 85 -15.58 -9.49 -19.08
CA CYS A 85 -15.26 -9.21 -17.68
C CYS A 85 -15.01 -7.72 -17.49
N LEU A 86 -14.78 -7.31 -16.25
CA LEU A 86 -14.53 -5.91 -15.97
C LEU A 86 -13.41 -5.33 -16.83
N GLN A 87 -12.30 -6.07 -16.96
CA GLN A 87 -11.18 -5.58 -17.76
C GLN A 87 -11.59 -5.21 -19.19
N ASP A 88 -12.61 -5.89 -19.71
CA ASP A 88 -13.08 -5.59 -21.05
C ASP A 88 -13.75 -4.22 -21.13
N ILE A 89 -14.54 -3.89 -20.11
CA ILE A 89 -15.21 -2.60 -20.07
C ILE A 89 -14.20 -1.48 -19.81
N LEU A 90 -13.16 -1.79 -19.03
CA LEU A 90 -12.13 -0.79 -18.75
C LEU A 90 -11.41 -0.49 -20.05
N ALA A 91 -11.15 -1.54 -20.82
CA ALA A 91 -10.45 -1.38 -22.09
C ALA A 91 -11.29 -0.58 -23.08
N ARG A 92 -12.61 -0.69 -22.99
CA ARG A 92 -13.49 0.02 -23.90
C ARG A 92 -13.71 1.48 -23.53
N GLY A 93 -13.12 1.91 -22.41
CA GLY A 93 -13.27 3.31 -22.04
C GLY A 93 -13.70 3.66 -20.63
N CYS A 94 -14.10 2.68 -19.83
CA CYS A 94 -14.53 3.00 -18.47
C CYS A 94 -13.33 3.55 -17.68
N PRO A 95 -13.46 4.80 -17.20
CA PRO A 95 -12.41 5.46 -16.42
C PRO A 95 -12.10 4.74 -15.11
N THR A 96 -10.85 4.81 -14.70
CA THR A 96 -10.42 4.21 -13.44
C THR A 96 -9.66 5.30 -12.71
N GLU A 97 -9.73 5.29 -11.37
CA GLU A 97 -9.04 6.30 -10.58
C GLU A 97 -7.85 5.67 -9.90
N PRO A 98 -6.77 6.45 -9.71
CA PRO A 98 -5.59 5.91 -9.05
C PRO A 98 -5.73 5.90 -7.54
N VAL A 99 -5.01 4.99 -6.91
CA VAL A 99 -4.98 4.91 -5.45
C VAL A 99 -3.81 5.83 -5.10
N THR A 100 -4.05 6.84 -4.27
CA THR A 100 -2.99 7.77 -3.90
C THR A 100 -2.69 7.78 -2.41
N LEU A 101 -3.57 7.16 -1.63
CA LEU A 101 -3.41 7.08 -0.18
C LEU A 101 -4.31 5.97 0.35
N THR A 102 -3.85 5.25 1.36
CA THR A 102 -4.65 4.21 1.99
C THR A 102 -4.20 4.06 3.42
N LEU A 103 -4.99 3.32 4.19
CA LEU A 103 -4.64 3.00 5.57
C LEU A 103 -4.15 1.56 5.44
N PHE A 104 -3.58 1.03 6.52
CA PHE A 104 -3.11 -0.35 6.52
C PHE A 104 -3.68 -1.02 7.76
N SER A 105 -3.79 -2.34 7.72
CA SER A 105 -4.35 -3.06 8.86
C SER A 105 -3.65 -2.71 10.17
N GLU A 106 -2.34 -2.50 10.12
CA GLU A 106 -1.55 -2.19 11.32
C GLU A 106 -1.42 -0.72 11.69
N THR A 107 -1.94 0.16 10.84
CA THR A 107 -1.91 1.60 11.13
C THR A 107 -2.64 1.77 12.47
N THR A 108 -2.13 2.63 13.35
CA THR A 108 -2.79 2.80 14.64
C THR A 108 -3.94 3.80 14.57
N LEU A 109 -4.80 3.77 15.58
CA LEU A 109 -5.93 4.69 15.63
C LEU A 109 -5.38 6.10 15.70
N HIS A 110 -4.31 6.27 16.48
CA HIS A 110 -3.68 7.57 16.63
C HIS A 110 -3.22 8.07 15.27
N GLN A 111 -2.57 7.21 14.49
CA GLN A 111 -2.11 7.59 13.16
C GLN A 111 -3.27 7.88 12.22
N ALA A 112 -4.28 7.02 12.26
CA ALA A 112 -5.45 7.17 11.39
C ALA A 112 -6.16 8.49 11.66
N GLN A 113 -6.35 8.81 12.95
CA GLN A 113 -7.01 10.04 13.35
C GLN A 113 -6.25 11.26 12.83
N ASN A 114 -4.95 11.29 13.07
CA ASN A 114 -4.12 12.40 12.62
C ASN A 114 -4.20 12.56 11.12
N LEU A 115 -4.13 11.44 10.41
CA LEU A 115 -4.19 11.47 8.95
C LEU A 115 -5.50 12.08 8.46
N PHE A 116 -6.62 11.61 9.00
CA PHE A 116 -7.93 12.12 8.60
C PHE A 116 -8.13 13.58 8.94
N LYS A 117 -7.70 13.98 10.14
CA LYS A 117 -7.87 15.37 10.56
C LYS A 117 -6.99 16.34 9.77
N LEU A 118 -5.70 16.05 9.68
CA LEU A 118 -4.78 16.93 8.99
C LEU A 118 -4.96 17.03 7.48
N LEU A 119 -5.44 15.95 6.85
CA LEU A 119 -5.64 15.96 5.40
C LEU A 119 -7.11 16.17 5.03
N ASN A 120 -7.94 16.40 6.05
CA ASN A 120 -9.37 16.62 5.86
C ASN A 120 -9.99 15.52 5.02
N LEU A 121 -9.82 14.27 5.44
CA LEU A 121 -10.35 13.12 4.71
C LEU A 121 -11.70 12.67 5.27
N GLN A 122 -12.46 11.96 4.43
CA GLN A 122 -13.75 11.42 4.84
C GLN A 122 -13.68 9.90 4.90
N SER A 123 -12.85 9.31 4.06
CA SER A 123 -12.69 7.86 4.05
C SER A 123 -11.48 7.40 3.25
N LEU A 124 -11.01 6.19 3.56
CA LEU A 124 -9.89 5.56 2.87
C LEU A 124 -10.06 4.06 2.90
N PHE A 125 -9.54 3.38 1.88
CA PHE A 125 -9.56 1.93 1.86
C PHE A 125 -8.40 1.46 2.72
N VAL A 126 -8.47 0.21 3.17
CA VAL A 126 -7.43 -0.38 4.02
C VAL A 126 -6.81 -1.56 3.31
N THR A 127 -5.48 -1.66 3.32
CA THR A 127 -4.83 -2.82 2.71
C THR A 127 -4.00 -3.58 3.73
N SER A 128 -3.77 -4.85 3.43
CA SER A 128 -2.97 -5.73 4.28
C SER A 128 -2.21 -6.60 3.28
N ARG A 129 -0.88 -6.49 3.29
CA ARG A 129 -0.04 -7.25 2.37
C ARG A 129 -0.48 -6.98 0.94
N GLY A 130 -0.87 -5.73 0.69
CA GLY A 130 -1.30 -5.31 -0.64
C GLY A 130 -2.74 -5.62 -1.01
N ARG A 131 -3.42 -6.41 -0.18
CA ARG A 131 -4.81 -6.81 -0.45
C ARG A 131 -5.82 -5.83 0.13
N ALA A 132 -6.89 -5.58 -0.61
CA ALA A 132 -7.95 -4.70 -0.13
C ALA A 132 -8.72 -5.48 0.93
N VAL A 133 -8.74 -4.99 2.17
CA VAL A 133 -9.43 -5.71 3.23
C VAL A 133 -10.53 -4.96 3.97
N GLY A 134 -10.67 -3.68 3.70
CA GLY A 134 -11.70 -2.92 4.39
C GLY A 134 -11.65 -1.45 4.05
N CYS A 135 -12.44 -0.67 4.78
CA CYS A 135 -12.46 0.77 4.58
C CYS A 135 -12.78 1.43 5.90
N VAL A 136 -12.37 2.68 6.04
CA VAL A 136 -12.61 3.45 7.25
C VAL A 136 -13.16 4.82 6.89
N SER A 137 -14.22 5.22 7.58
CA SER A 137 -14.81 6.55 7.39
C SER A 137 -14.93 7.09 8.80
N TRP A 138 -15.44 8.31 8.96
CA TRP A 138 -15.58 8.85 10.29
C TRP A 138 -16.56 8.07 11.14
N VAL A 139 -17.44 7.30 10.49
CA VAL A 139 -18.40 6.48 11.23
C VAL A 139 -17.63 5.45 12.07
N GLU A 140 -16.70 4.75 11.44
CA GLU A 140 -15.90 3.76 12.14
C GLU A 140 -14.90 4.41 13.09
N MET A 141 -14.30 5.52 12.65
CA MET A 141 -13.32 6.22 13.48
C MET A 141 -13.95 6.70 14.78
N LYS A 142 -15.14 7.32 14.69
CA LYS A 142 -15.82 7.81 15.89
C LYS A 142 -16.17 6.70 16.85
N LYS A 143 -16.57 5.54 16.32
CA LYS A 143 -16.91 4.41 17.17
C LYS A 143 -15.68 3.91 17.91
N ALA A 144 -14.54 3.87 17.22
CA ALA A 144 -13.31 3.41 17.83
C ALA A 144 -12.89 4.36 18.96
N ILE A 145 -13.00 5.65 18.70
CA ILE A 145 -12.63 6.66 19.68
C ILE A 145 -13.54 6.54 20.90
N SER A 146 -14.83 6.32 20.65
CA SER A 146 -15.81 6.19 21.71
C SER A 146 -15.49 4.96 22.57
N ASN A 147 -15.13 3.85 21.92
CA ASN A 147 -14.82 2.62 22.63
C ASN A 147 -13.60 2.71 23.55
N LEU A 148 -12.75 3.71 23.33
CA LEU A 148 -11.58 3.88 24.17
C LEU A 148 -11.97 4.12 25.63
N THR A 149 -12.95 4.98 25.84
CA THR A 149 -13.40 5.31 27.19
C THR A 149 -14.68 4.59 27.60
N ASN A 150 -15.46 4.14 26.63
CA ASN A 150 -16.71 3.45 26.93
C ASN A 150 -16.88 2.21 26.06
N PRO A 151 -16.06 1.18 26.30
CA PRO A 151 -16.14 -0.06 25.52
C PRO A 151 -17.46 -0.78 25.70
N PRO A 152 -18.04 -1.31 24.60
CA PRO A 152 -19.31 -2.02 24.68
C PRO A 152 -19.15 -3.31 25.47
N ALA A 153 -20.24 -3.79 26.05
CA ALA A 153 -20.20 -5.04 26.81
C ALA A 153 -20.17 -6.18 25.80
N PRO A 154 -19.51 -7.30 26.15
CA PRO A 154 -19.47 -8.42 25.22
C PRO A 154 -20.87 -8.93 24.88
N LYS A 155 -21.12 -9.18 23.60
CA LYS A 155 -22.42 -9.66 23.16
C LYS A 155 -22.61 -11.15 23.43
N GLU A 156 -23.85 -11.56 23.60
CA GLU A 156 -24.14 -12.96 23.85
C GLU A 156 -24.51 -13.64 22.54
N PHE A 157 -24.03 -14.86 22.34
CA PHE A 157 -24.31 -15.60 21.12
C PHE A 157 -24.73 -17.02 21.42
N LEU A 158 -25.55 -17.58 20.54
CA LEU A 158 -26.02 -18.94 20.70
C LEU A 158 -25.37 -19.86 19.69
N GLU A 159 -25.25 -21.13 20.06
CA GLU A 159 -24.67 -22.15 19.21
C GLU A 159 -25.80 -22.81 18.44
N VAL A 160 -25.56 -23.21 17.20
CA VAL A 160 -26.58 -23.86 16.40
C VAL A 160 -26.52 -25.36 16.69
N LEU A 161 -27.40 -25.82 17.58
CA LEU A 161 -27.44 -27.22 17.97
C LEU A 161 -28.39 -28.03 17.10
N SER B 10 2.00 21.33 -9.19
CA SER B 10 2.35 20.23 -8.24
C SER B 10 1.31 19.12 -8.33
N HIS B 11 0.22 19.37 -9.03
CA HIS B 11 -0.85 18.39 -9.19
C HIS B 11 -0.57 17.46 -10.37
N HIS B 12 0.29 17.90 -11.29
CA HIS B 12 0.62 17.11 -12.48
C HIS B 12 1.85 16.23 -12.30
N VAL B 13 2.69 16.58 -11.33
CA VAL B 13 3.89 15.79 -11.07
C VAL B 13 3.47 14.70 -10.09
N ARG B 14 3.88 13.46 -10.38
CA ARG B 14 3.54 12.33 -9.53
C ARG B 14 4.78 11.77 -8.86
N VAL B 15 4.58 11.03 -7.77
CA VAL B 15 5.71 10.45 -7.05
C VAL B 15 6.62 9.60 -7.95
N GLU B 16 6.03 8.85 -8.89
CA GLU B 16 6.85 8.03 -9.78
C GLU B 16 7.85 8.85 -10.60
N HIS B 17 7.58 10.15 -10.75
CA HIS B 17 8.47 11.03 -11.50
C HIS B 17 9.77 11.36 -10.78
N PHE B 18 9.71 11.45 -9.45
CA PHE B 18 10.88 11.85 -8.69
C PHE B 18 11.36 10.92 -7.59
N MET B 19 10.68 9.80 -7.40
CA MET B 19 11.08 8.86 -6.36
C MET B 19 12.44 8.23 -6.64
N ASN B 20 13.10 7.79 -5.57
CA ASN B 20 14.40 7.12 -5.70
C ASN B 20 14.12 5.65 -5.99
N HIS B 21 14.62 5.18 -7.13
CA HIS B 21 14.45 3.79 -7.54
C HIS B 21 15.54 2.92 -6.94
N SER B 22 16.53 3.56 -6.34
CA SER B 22 17.65 2.83 -5.75
C SER B 22 17.33 2.19 -4.40
N ILE B 23 16.35 1.31 -4.38
CA ILE B 23 16.00 0.62 -3.15
C ILE B 23 16.31 -0.85 -3.36
N THR B 24 16.64 -1.54 -2.28
CA THR B 24 16.93 -2.96 -2.35
C THR B 24 15.91 -3.69 -1.50
N THR B 25 15.04 -4.44 -2.15
CA THR B 25 14.02 -5.18 -1.43
C THR B 25 14.57 -6.53 -0.98
N LEU B 26 14.11 -6.99 0.17
CA LEU B 26 14.52 -8.29 0.68
C LEU B 26 13.23 -9.10 0.71
N ALA B 27 13.27 -10.31 0.16
CA ALA B 27 12.09 -11.17 0.13
C ALA B 27 12.21 -12.31 1.13
N LYS B 28 11.07 -12.86 1.52
CA LYS B 28 11.10 -13.96 2.46
C LYS B 28 11.90 -15.13 1.89
N ASP B 29 11.93 -15.28 0.56
CA ASP B 29 12.68 -16.37 -0.05
C ASP B 29 14.05 -15.97 -0.61
N THR B 30 14.54 -14.81 -0.20
CA THR B 30 15.86 -14.38 -0.66
C THR B 30 16.90 -15.28 0.02
N PRO B 31 17.81 -15.87 -0.77
CA PRO B 31 18.84 -16.75 -0.18
C PRO B 31 19.65 -15.98 0.86
N LEU B 32 19.99 -16.64 1.96
CA LEU B 32 20.74 -15.98 3.02
C LEU B 32 22.06 -15.40 2.54
N GLU B 33 22.69 -16.05 1.56
CA GLU B 33 23.96 -15.56 1.03
C GLU B 33 23.75 -14.19 0.38
N GLU B 34 22.62 -14.04 -0.31
CA GLU B 34 22.30 -12.77 -0.97
C GLU B 34 21.95 -11.71 0.08
N VAL B 35 21.29 -12.12 1.16
CA VAL B 35 20.94 -11.18 2.21
C VAL B 35 22.21 -10.59 2.81
N VAL B 36 23.20 -11.45 3.05
CA VAL B 36 24.47 -10.99 3.61
C VAL B 36 25.13 -9.98 2.67
N LYS B 37 25.12 -10.29 1.38
CA LYS B 37 25.72 -9.38 0.40
C LYS B 37 25.02 -8.03 0.40
N VAL B 38 23.69 -8.05 0.48
CA VAL B 38 22.92 -6.80 0.49
C VAL B 38 23.24 -5.96 1.73
N VAL B 39 23.20 -6.58 2.89
CA VAL B 39 23.46 -5.89 4.14
C VAL B 39 24.87 -5.29 4.24
N THR B 40 25.86 -6.02 3.74
CA THR B 40 27.24 -5.55 3.81
C THR B 40 27.63 -4.63 2.66
N SER B 41 26.68 -4.34 1.77
CA SER B 41 26.96 -3.46 0.64
C SER B 41 26.07 -2.22 0.62
N THR B 42 25.22 -2.10 1.64
CA THR B 42 24.31 -0.96 1.75
C THR B 42 24.40 -0.37 3.14
N ASP B 43 23.92 0.86 3.31
CA ASP B 43 23.98 1.53 4.60
C ASP B 43 22.64 2.12 5.01
N VAL B 44 21.58 1.70 4.33
CA VAL B 44 20.24 2.20 4.64
C VAL B 44 19.86 1.74 6.05
N THR B 45 18.94 2.46 6.68
CA THR B 45 18.52 2.13 8.02
C THR B 45 17.53 0.96 8.02
N GLU B 46 16.79 0.81 6.93
CA GLU B 46 15.82 -0.26 6.84
C GLU B 46 15.58 -0.72 5.40
N TYR B 47 15.02 -1.92 5.25
CA TYR B 47 14.73 -2.50 3.95
C TYR B 47 13.28 -2.89 3.83
N PRO B 48 12.70 -2.71 2.64
CA PRO B 48 11.31 -3.10 2.49
C PRO B 48 11.31 -4.62 2.35
N LEU B 49 10.41 -5.28 3.06
CA LEU B 49 10.30 -6.73 3.01
C LEU B 49 9.17 -7.09 2.05
N VAL B 50 9.44 -7.97 1.09
CA VAL B 50 8.41 -8.35 0.13
C VAL B 50 8.09 -9.85 0.29
N GLU B 51 6.89 -10.23 -0.12
CA GLU B 51 6.43 -11.61 0.02
C GLU B 51 7.34 -12.62 -0.66
N SER B 52 7.70 -12.36 -1.90
CA SER B 52 8.57 -13.27 -2.63
C SER B 52 9.37 -12.48 -3.67
N THR B 53 10.47 -13.06 -4.14
CA THR B 53 11.28 -12.38 -5.12
C THR B 53 10.49 -12.14 -6.40
N GLU B 54 9.62 -13.09 -6.74
CA GLU B 54 8.79 -12.98 -7.93
C GLU B 54 7.70 -11.91 -7.87
N SER B 55 6.98 -11.84 -6.75
CA SER B 55 5.90 -10.88 -6.60
C SER B 55 6.31 -9.46 -6.21
N GLN B 56 7.32 -9.35 -5.35
CA GLN B 56 7.78 -8.04 -4.89
C GLN B 56 6.68 -7.30 -4.13
N ILE B 57 5.70 -8.04 -3.62
CA ILE B 57 4.60 -7.42 -2.87
C ILE B 57 5.08 -7.02 -1.48
N LEU B 58 4.95 -5.74 -1.15
CA LEU B 58 5.39 -5.23 0.14
C LEU B 58 4.56 -5.79 1.30
N VAL B 59 5.23 -6.39 2.28
CA VAL B 59 4.53 -6.96 3.42
C VAL B 59 5.05 -6.49 4.77
N GLY B 60 6.15 -5.75 4.78
CA GLY B 60 6.70 -5.28 6.04
C GLY B 60 8.01 -4.55 5.84
N ILE B 61 8.68 -4.24 6.94
CA ILE B 61 9.95 -3.53 6.90
C ILE B 61 10.90 -4.16 7.90
N VAL B 62 12.16 -4.33 7.51
CA VAL B 62 13.14 -4.89 8.44
C VAL B 62 14.26 -3.88 8.62
N GLN B 63 14.59 -3.61 9.88
CA GLN B 63 15.63 -2.65 10.20
C GLN B 63 16.99 -3.31 10.05
N ARG B 64 17.93 -2.61 9.42
CA ARG B 64 19.27 -3.16 9.18
C ARG B 64 19.94 -3.59 10.49
N ALA B 65 19.87 -2.76 11.51
CA ALA B 65 20.50 -3.09 12.78
C ALA B 65 19.99 -4.41 13.34
N GLN B 66 18.69 -4.66 13.20
CA GLN B 66 18.11 -5.90 13.69
C GLN B 66 18.54 -7.10 12.84
N LEU B 67 18.60 -6.89 11.53
CA LEU B 67 19.01 -7.96 10.62
C LEU B 67 20.48 -8.31 10.82
N VAL B 68 21.31 -7.28 11.06
CA VAL B 68 22.74 -7.50 11.29
C VAL B 68 22.94 -8.35 12.55
N GLN B 69 22.23 -7.97 13.61
CA GLN B 69 22.33 -8.70 14.88
C GLN B 69 21.95 -10.15 14.70
N ALA B 70 20.87 -10.41 13.96
CA ALA B 70 20.41 -11.77 13.72
C ALA B 70 21.44 -12.59 12.95
N LEU B 71 22.07 -11.95 11.97
CA LEU B 71 23.07 -12.61 11.14
C LEU B 71 24.37 -12.90 11.91
N GLN B 72 24.70 -12.03 12.86
CA GLN B 72 25.91 -12.21 13.65
C GLN B 72 25.71 -13.38 14.61
N ALA B 73 24.49 -13.52 15.12
CA ALA B 73 24.15 -14.58 16.06
C ALA B 73 24.04 -15.93 15.38
N GLU B 74 23.39 -15.97 14.23
CA GLU B 74 23.22 -17.21 13.47
C GLU B 74 23.77 -17.04 12.07
N PRO B 75 25.10 -17.09 11.92
CA PRO B 75 25.73 -16.94 10.60
C PRO B 75 25.24 -17.98 9.59
N PRO B 76 25.05 -17.57 8.33
CA PRO B 76 24.59 -18.45 7.27
C PRO B 76 25.57 -19.57 6.96
N GLY B 81 23.84 -29.55 0.66
CA GLY B 81 24.14 -28.60 1.71
C GLY B 81 22.91 -28.23 2.51
N HIS B 82 22.97 -27.08 3.18
CA HIS B 82 21.85 -26.62 3.99
C HIS B 82 21.52 -25.16 3.66
N GLN B 83 20.87 -24.97 2.53
CA GLN B 83 20.50 -23.63 2.07
C GLN B 83 19.44 -23.01 2.98
N GLN B 84 19.61 -21.72 3.26
CA GLN B 84 18.69 -20.98 4.11
C GLN B 84 18.23 -19.72 3.37
N CYS B 85 17.10 -19.18 3.80
CA CYS B 85 16.56 -17.96 3.21
C CYS B 85 16.19 -16.99 4.33
N LEU B 86 15.83 -15.76 3.95
CA LEU B 86 15.49 -14.75 4.95
C LEU B 86 14.41 -15.19 5.93
N GLN B 87 13.37 -15.84 5.41
CA GLN B 87 12.27 -16.31 6.24
C GLN B 87 12.77 -17.17 7.41
N ASP B 88 13.85 -17.90 7.20
CA ASP B 88 14.39 -18.74 8.26
C ASP B 88 14.87 -17.88 9.42
N ILE B 89 15.50 -16.75 9.09
CA ILE B 89 15.99 -15.82 10.11
C ILE B 89 14.84 -15.10 10.81
N LEU B 90 13.80 -14.78 10.05
CA LEU B 90 12.65 -14.10 10.63
C LEU B 90 11.92 -15.05 11.58
N ALA B 91 11.80 -16.30 11.17
CA ALA B 91 11.12 -17.30 11.99
C ALA B 91 11.92 -17.58 13.25
N ARG B 92 13.23 -17.32 13.19
CA ARG B 92 14.12 -17.56 14.30
C ARG B 92 14.02 -16.47 15.37
N GLY B 93 13.43 -15.33 15.01
CA GLY B 93 13.29 -14.26 15.98
C GLY B 93 13.61 -12.85 15.54
N CYS B 94 14.17 -12.69 14.33
CA CYS B 94 14.51 -11.34 13.87
C CYS B 94 13.26 -10.47 13.79
N PRO B 95 13.27 -9.34 14.53
CA PRO B 95 12.15 -8.40 14.57
C PRO B 95 11.86 -7.77 13.22
N THR B 96 10.58 -7.60 12.90
CA THR B 96 10.16 -6.95 11.66
C THR B 96 9.16 -5.88 12.07
N GLU B 97 8.97 -4.89 11.20
CA GLU B 97 8.06 -3.80 11.50
C GLU B 97 6.90 -3.78 10.52
N PRO B 98 5.73 -3.33 10.97
CA PRO B 98 4.59 -3.31 10.06
C PRO B 98 4.62 -2.06 9.18
N VAL B 99 3.96 -2.15 8.03
CA VAL B 99 3.87 -1.00 7.14
C VAL B 99 2.60 -0.32 7.63
N THR B 100 2.69 0.98 7.93
CA THR B 100 1.54 1.73 8.42
C THR B 100 1.20 2.94 7.55
N LEU B 101 2.08 3.24 6.60
CA LEU B 101 1.89 4.35 5.68
C LEU B 101 2.89 4.25 4.53
N THR B 102 2.45 4.58 3.32
CA THR B 102 3.31 4.57 2.15
C THR B 102 2.78 5.59 1.17
N LEU B 103 3.59 5.86 0.16
CA LEU B 103 3.20 6.73 -0.94
C LEU B 103 2.88 5.74 -2.05
N PHE B 104 2.30 6.24 -3.14
CA PHE B 104 1.97 5.40 -4.29
C PHE B 104 2.54 6.07 -5.53
N SER B 105 2.82 5.28 -6.55
CA SER B 105 3.39 5.85 -7.77
C SER B 105 2.59 7.03 -8.32
N GLU B 106 1.27 6.96 -8.20
CA GLU B 106 0.43 8.04 -8.72
C GLU B 106 0.07 9.15 -7.73
N THR B 107 0.58 9.07 -6.51
CA THR B 107 0.34 10.12 -5.52
C THR B 107 0.98 11.37 -6.14
N THR B 108 0.31 12.51 -6.03
CA THR B 108 0.87 13.72 -6.62
C THR B 108 1.90 14.38 -5.73
N LEU B 109 2.75 15.21 -6.33
CA LEU B 109 3.77 15.93 -5.58
C LEU B 109 3.08 16.78 -4.53
N HIS B 110 1.94 17.38 -4.89
CA HIS B 110 1.20 18.21 -3.96
C HIS B 110 0.77 17.36 -2.75
N GLN B 111 0.22 16.19 -3.00
CA GLN B 111 -0.22 15.32 -1.91
C GLN B 111 0.96 14.85 -1.05
N ALA B 112 2.04 14.46 -1.71
CA ALA B 112 3.23 13.97 -1.01
C ALA B 112 3.86 15.03 -0.11
N GLN B 113 4.00 16.25 -0.62
CA GLN B 113 4.60 17.31 0.17
C GLN B 113 3.74 17.63 1.38
N ASN B 114 2.43 17.69 1.18
CA ASN B 114 1.51 17.98 2.27
C ASN B 114 1.55 16.88 3.33
N LEU B 115 1.63 15.63 2.86
CA LEU B 115 1.68 14.49 3.77
C LEU B 115 2.94 14.54 4.63
N PHE B 116 4.09 14.75 3.99
CA PHE B 116 5.35 14.81 4.72
C PHE B 116 5.42 15.97 5.71
N LYS B 117 4.95 17.13 5.27
CA LYS B 117 4.95 18.31 6.13
C LYS B 117 4.04 18.16 7.34
N LEU B 118 2.77 17.85 7.10
CA LEU B 118 1.79 17.72 8.18
C LEU B 118 2.04 16.59 9.17
N LEU B 119 2.56 15.46 8.69
CA LEU B 119 2.83 14.34 9.58
C LEU B 119 4.28 14.32 10.06
N ASN B 120 5.04 15.33 9.66
CA ASN B 120 6.44 15.45 10.06
C ASN B 120 7.22 14.18 9.73
N LEU B 121 7.14 13.74 8.47
CA LEU B 121 7.83 12.54 8.04
C LEU B 121 9.19 12.86 7.42
N GLN B 122 10.07 11.86 7.41
CA GLN B 122 11.40 12.00 6.84
C GLN B 122 11.47 11.22 5.53
N SER B 123 10.77 10.09 5.48
CA SER B 123 10.77 9.26 4.28
C SER B 123 9.67 8.22 4.31
N LEU B 124 9.31 7.73 3.13
CA LEU B 124 8.30 6.69 3.01
C LEU B 124 8.63 5.85 1.78
N PHE B 125 8.21 4.59 1.81
CA PHE B 125 8.39 3.73 0.67
C PHE B 125 7.24 4.01 -0.29
N VAL B 126 7.43 3.64 -1.55
CA VAL B 126 6.42 3.85 -2.57
C VAL B 126 5.99 2.50 -3.14
N THR B 127 4.68 2.30 -3.30
CA THR B 127 4.20 1.06 -3.89
C THR B 127 3.39 1.35 -5.15
N SER B 128 3.32 0.34 -6.00
CA SER B 128 2.56 0.40 -7.26
C SER B 128 1.97 -0.99 -7.41
N ARG B 129 0.64 -1.07 -7.40
CA ARG B 129 -0.03 -2.36 -7.51
C ARG B 129 0.47 -3.30 -6.42
N GLY B 130 0.74 -2.73 -5.26
CA GLY B 130 1.20 -3.51 -4.12
C GLY B 130 2.68 -3.82 -4.07
N ARG B 131 3.40 -3.57 -5.17
CA ARG B 131 4.84 -3.83 -5.23
C ARG B 131 5.68 -2.66 -4.74
N ALA B 132 6.77 -2.96 -4.04
CA ALA B 132 7.68 -1.92 -3.56
C ALA B 132 8.45 -1.45 -4.78
N VAL B 133 8.35 -0.17 -5.13
CA VAL B 133 9.05 0.34 -6.31
C VAL B 133 10.02 1.50 -6.09
N GLY B 134 9.99 2.09 -4.90
CA GLY B 134 10.91 3.19 -4.64
C GLY B 134 10.73 3.76 -3.26
N CYS B 135 11.38 4.91 -3.03
CA CYS B 135 11.26 5.58 -1.75
C CYS B 135 11.41 7.07 -1.98
N VAL B 136 10.88 7.85 -1.06
CA VAL B 136 10.95 9.29 -1.15
C VAL B 136 11.39 9.89 0.18
N SER B 137 12.35 10.81 0.13
CA SER B 137 12.80 11.52 1.32
C SER B 137 12.78 12.98 0.91
N TRP B 138 13.11 13.89 1.82
CA TRP B 138 13.08 15.30 1.45
C TRP B 138 14.09 15.64 0.36
N VAL B 139 15.10 14.80 0.19
CA VAL B 139 16.10 15.04 -0.85
C VAL B 139 15.42 14.99 -2.22
N GLU B 140 14.64 13.94 -2.45
CA GLU B 140 13.91 13.78 -3.71
C GLU B 140 12.79 14.80 -3.85
N MET B 141 12.09 15.06 -2.74
CA MET B 141 10.98 16.00 -2.75
C MET B 141 11.48 17.40 -3.15
N LYS B 142 12.55 17.85 -2.50
CA LYS B 142 13.11 19.17 -2.80
C LYS B 142 13.58 19.32 -4.24
N LYS B 143 14.08 18.24 -4.82
CA LYS B 143 14.55 18.26 -6.20
C LYS B 143 13.36 18.42 -7.15
N ALA B 144 12.27 17.71 -6.86
CA ALA B 144 11.07 17.78 -7.68
C ALA B 144 10.44 19.17 -7.62
N ILE B 145 10.40 19.75 -6.42
CA ILE B 145 9.83 21.07 -6.23
C ILE B 145 10.68 22.11 -6.96
N SER B 146 11.99 21.96 -6.88
CA SER B 146 12.90 22.88 -7.55
C SER B 146 12.72 22.82 -9.07
N ASN B 147 12.54 21.61 -9.60
CA ASN B 147 12.35 21.44 -11.04
C ASN B 147 11.08 22.11 -11.56
N LEU B 148 10.16 22.42 -10.66
CA LEU B 148 8.91 23.07 -11.05
C LEU B 148 9.16 24.44 -11.65
N THR B 149 10.11 25.18 -11.08
CA THR B 149 10.42 26.52 -11.57
C THR B 149 11.75 26.56 -12.33
N ASN B 150 12.65 25.63 -12.02
CA ASN B 150 13.94 25.58 -12.68
C ASN B 150 14.26 24.17 -13.20
N PRO B 151 13.54 23.73 -14.25
CA PRO B 151 13.78 22.40 -14.80
C PRO B 151 15.22 22.22 -15.27
N PRO B 152 15.88 21.13 -14.86
CA PRO B 152 17.26 20.87 -15.24
C PRO B 152 17.42 20.63 -16.74
N ALA B 153 18.60 20.92 -17.27
CA ALA B 153 18.87 20.72 -18.68
C ALA B 153 18.84 19.22 -18.99
N PRO B 154 18.54 18.85 -20.25
CA PRO B 154 18.48 17.44 -20.62
C PRO B 154 19.83 16.74 -20.38
N LYS B 155 19.76 15.50 -19.93
CA LYS B 155 20.98 14.73 -19.66
C LYS B 155 21.71 14.47 -20.96
N GLU B 156 23.04 14.42 -20.90
CA GLU B 156 23.84 14.18 -22.09
C GLU B 156 24.53 12.82 -21.96
N PHE B 157 24.81 12.20 -23.11
CA PHE B 157 25.47 10.91 -23.11
C PHE B 157 26.88 10.99 -23.67
N LEU B 158 27.73 10.06 -23.24
CA LEU B 158 29.10 9.97 -23.72
C LEU B 158 29.26 8.53 -24.20
N GLU B 159 29.81 8.35 -25.39
CA GLU B 159 30.00 7.02 -25.95
C GLU B 159 31.20 6.96 -26.87
N VAL B 160 31.67 5.76 -27.16
CA VAL B 160 32.81 5.57 -28.05
C VAL B 160 32.30 5.48 -29.48
N LEU B 161 32.33 6.62 -30.17
CA LEU B 161 31.88 6.71 -31.55
C LEU B 161 32.78 5.93 -32.50
#